data_4R0U
# 
_entry.id   4R0U 
# 
_audit_conform.dict_name       mmcif_pdbx.dic 
_audit_conform.dict_version    5.389 
_audit_conform.dict_location   http://mmcif.pdb.org/dictionaries/ascii/mmcif_pdbx.dic 
# 
loop_
_database_2.database_id 
_database_2.database_code 
_database_2.pdbx_database_accession 
_database_2.pdbx_DOI 
PDB   4R0U         pdb_00004r0u 10.2210/pdb4r0u/pdb 
RCSB  RCSB086757   ?            ?                   
WWPDB D_1000086757 ?            ?                   
# 
loop_
_pdbx_audit_revision_history.ordinal 
_pdbx_audit_revision_history.data_content_type 
_pdbx_audit_revision_history.major_revision 
_pdbx_audit_revision_history.minor_revision 
_pdbx_audit_revision_history.revision_date 
1 'Structure model' 1 0 2014-12-17 
2 'Structure model' 1 1 2015-01-14 
3 'Structure model' 1 2 2024-02-28 
4 'Structure model' 1 3 2024-04-03 
# 
_pdbx_audit_revision_details.ordinal             1 
_pdbx_audit_revision_details.revision_ordinal    1 
_pdbx_audit_revision_details.data_content_type   'Structure model' 
_pdbx_audit_revision_details.provider            repository 
_pdbx_audit_revision_details.type                'Initial release' 
_pdbx_audit_revision_details.description         ? 
_pdbx_audit_revision_details.details             ? 
# 
loop_
_pdbx_audit_revision_group.ordinal 
_pdbx_audit_revision_group.revision_ordinal 
_pdbx_audit_revision_group.data_content_type 
_pdbx_audit_revision_group.group 
1 2 'Structure model' 'Database references'    
2 3 'Structure model' 'Data collection'        
3 3 'Structure model' 'Database references'    
4 4 'Structure model' 'Refinement description' 
# 
loop_
_pdbx_audit_revision_category.ordinal 
_pdbx_audit_revision_category.revision_ordinal 
_pdbx_audit_revision_category.data_content_type 
_pdbx_audit_revision_category.category 
1 3 'Structure model' chem_comp_atom                
2 3 'Structure model' chem_comp_bond                
3 3 'Structure model' database_2                    
4 4 'Structure model' pdbx_initial_refinement_model 
# 
loop_
_pdbx_audit_revision_item.ordinal 
_pdbx_audit_revision_item.revision_ordinal 
_pdbx_audit_revision_item.data_content_type 
_pdbx_audit_revision_item.item 
1 3 'Structure model' '_database_2.pdbx_DOI'                
2 3 'Structure model' '_database_2.pdbx_database_accession' 
# 
_pdbx_database_status.entry_id                        4R0U 
_pdbx_database_status.status_code                     REL 
_pdbx_database_status.methods_development_category    ? 
_pdbx_database_status.deposit_site                    RCSB 
_pdbx_database_status.process_site                    RCSB 
_pdbx_database_status.recvd_initial_deposition_date   2014-08-01 
_pdbx_database_status.status_code_sf                  REL 
_pdbx_database_status.status_code_mr                  ? 
_pdbx_database_status.SG_entry                        ? 
_pdbx_database_status.status_code_cs                  ? 
_pdbx_database_status.pdb_format_compatible           Y 
_pdbx_database_status.status_code_nmr_data            ? 
# 
loop_
_audit_author.name 
_audit_author.pdbx_ordinal 
'Ivanova, M.I.'   1 
'Eisenberg, D.S.' 2 
'Sawaya, M.R.'    3 
# 
_citation.id                        primary 
_citation.title                     'Structure-based design of functional amyloid materials.' 
_citation.journal_abbrev            J.Am.Chem.Soc. 
_citation.journal_volume            136 
_citation.page_first                18044 
_citation.page_last                 18051 
_citation.year                      2014 
_citation.journal_id_ASTM           JACSAT 
_citation.country                   US 
_citation.journal_id_ISSN           0002-7863 
_citation.journal_id_CSD            0004 
_citation.book_publisher            ? 
_citation.pdbx_database_id_PubMed   25474758 
_citation.pdbx_database_id_DOI      10.1021/ja509648u 
# 
loop_
_citation_author.citation_id 
_citation_author.name 
_citation_author.ordinal 
_citation_author.identifier_ORCID 
primary 'Li, D.'          1  ? 
primary 'Jones, E.M.'     2  ? 
primary 'Sawaya, M.R.'    3  ? 
primary 'Furukawa, H.'    4  ? 
primary 'Luo, F.'         5  ? 
primary 'Ivanova, M.'     6  ? 
primary 'Sievers, S.A.'   7  ? 
primary 'Wang, W.'        8  ? 
primary 'Yaghi, O.M.'     9  ? 
primary 'Liu, C.'         10 ? 
primary 'Eisenberg, D.S.' 11 ? 
# 
loop_
_entity.id 
_entity.type 
_entity.src_method 
_entity.pdbx_description 
_entity.formula_weight 
_entity.pdbx_number_of_molecules 
_entity.pdbx_ec 
_entity.pdbx_mutation 
_entity.pdbx_fragment 
_entity.details 
1 polymer syn Alpha-synuclein 617.692 1 ? ? 'UNP RESIDUES 72-78' ? 
2 water   nat water           18.015  7 ? ? ?                    ? 
# 
_entity_name_com.entity_id   1 
_entity_name_com.name        'Non-A beta component of AD amyloid, Non-A4 component of amyloid precursor, NACP' 
# 
_entity_poly.entity_id                      1 
_entity_poly.type                           'polypeptide(L)' 
_entity_poly.nstd_linkage                   no 
_entity_poly.nstd_monomer                   no 
_entity_poly.pdbx_seq_one_letter_code       TGVTAVA 
_entity_poly.pdbx_seq_one_letter_code_can   TGVTAVA 
_entity_poly.pdbx_strand_id                 A 
_entity_poly.pdbx_target_identifier         ? 
# 
_pdbx_entity_nonpoly.entity_id   2 
_pdbx_entity_nonpoly.name        water 
_pdbx_entity_nonpoly.comp_id     HOH 
# 
loop_
_entity_poly_seq.entity_id 
_entity_poly_seq.num 
_entity_poly_seq.mon_id 
_entity_poly_seq.hetero 
1 1 THR n 
1 2 GLY n 
1 3 VAL n 
1 4 THR n 
1 5 ALA n 
1 6 VAL n 
1 7 ALA n 
# 
_pdbx_entity_src_syn.entity_id              1 
_pdbx_entity_src_syn.pdbx_src_id            1 
_pdbx_entity_src_syn.pdbx_alt_source_flag   sample 
_pdbx_entity_src_syn.pdbx_beg_seq_num       ? 
_pdbx_entity_src_syn.pdbx_end_seq_num       ? 
_pdbx_entity_src_syn.organism_scientific    'Homo sapiens' 
_pdbx_entity_src_syn.organism_common_name   human 
_pdbx_entity_src_syn.ncbi_taxonomy_id       9606 
_pdbx_entity_src_syn.details                'TGVTAVA (residues 72-78) from Human alpha-synuclein, synthesized' 
# 
loop_
_chem_comp.id 
_chem_comp.type 
_chem_comp.mon_nstd_flag 
_chem_comp.name 
_chem_comp.pdbx_synonyms 
_chem_comp.formula 
_chem_comp.formula_weight 
ALA 'L-peptide linking' y ALANINE   ? 'C3 H7 N O2'  89.093  
GLY 'peptide linking'   y GLYCINE   ? 'C2 H5 N O2'  75.067  
HOH non-polymer         . WATER     ? 'H2 O'        18.015  
THR 'L-peptide linking' y THREONINE ? 'C4 H9 N O3'  119.119 
VAL 'L-peptide linking' y VALINE    ? 'C5 H11 N O2' 117.146 
# 
loop_
_pdbx_poly_seq_scheme.asym_id 
_pdbx_poly_seq_scheme.entity_id 
_pdbx_poly_seq_scheme.seq_id 
_pdbx_poly_seq_scheme.mon_id 
_pdbx_poly_seq_scheme.ndb_seq_num 
_pdbx_poly_seq_scheme.pdb_seq_num 
_pdbx_poly_seq_scheme.auth_seq_num 
_pdbx_poly_seq_scheme.pdb_mon_id 
_pdbx_poly_seq_scheme.auth_mon_id 
_pdbx_poly_seq_scheme.pdb_strand_id 
_pdbx_poly_seq_scheme.pdb_ins_code 
_pdbx_poly_seq_scheme.hetero 
A 1 1 THR 1 1 1 THR THR A . n 
A 1 2 GLY 2 2 2 GLY GLY A . n 
A 1 3 VAL 3 3 3 VAL VAL A . n 
A 1 4 THR 4 4 4 THR THR A . n 
A 1 5 ALA 5 5 5 ALA ALA A . n 
A 1 6 VAL 6 6 6 VAL VAL A . n 
A 1 7 ALA 7 7 7 ALA ALA A . n 
# 
loop_
_pdbx_nonpoly_scheme.asym_id 
_pdbx_nonpoly_scheme.entity_id 
_pdbx_nonpoly_scheme.mon_id 
_pdbx_nonpoly_scheme.ndb_seq_num 
_pdbx_nonpoly_scheme.pdb_seq_num 
_pdbx_nonpoly_scheme.auth_seq_num 
_pdbx_nonpoly_scheme.pdb_mon_id 
_pdbx_nonpoly_scheme.auth_mon_id 
_pdbx_nonpoly_scheme.pdb_strand_id 
_pdbx_nonpoly_scheme.pdb_ins_code 
B 2 HOH 1 101 1 HOH HOH A . 
B 2 HOH 2 102 2 HOH HOH A . 
B 2 HOH 3 103 3 HOH HOH A . 
B 2 HOH 4 104 4 HOH HOH A . 
B 2 HOH 5 105 5 HOH HOH A . 
B 2 HOH 6 106 6 HOH HOH A . 
B 2 HOH 7 107 7 HOH HOH A . 
# 
loop_
_software.pdbx_ordinal 
_software.name 
_software.version 
_software.date 
_software.type 
_software.contact_author 
_software.contact_author_email 
_software.classification 
_software.location 
_software.language 
_software.citation_id 
1 DENZO       .        ?                          program 'Zbyszek Otwinowski' hkl@hkl-xray.com            'data reduction'  
http://www.hkl-xray.com/                     ?          ? 
2 SCALEPACK   .        ?                          program 'Zbyszek Otwinowski' hkl@hkl-xray.com            'data scaling'    
http://www.hkl-xray.com/                     ?          ? 
3 PHASER      1.3.2    'Wed Feb 15 11:59:26 2006' program 'Randy J. Read'      cimr-phaser@lists.cam.ac.uk phasing           
http://www-structmed.cimr.cam.ac.uk/phaser/  ?          ? 
4 REFMAC      5.8.0073 ?                          program 'Garib N. Murshudov' garib@ysbl.york.ac.uk       refinement        
http://www.ccp4.ac.uk/dist/html/refmac5.html Fortran_77 ? 
5 PDB_EXTRACT 3.14     'Dec. 10, 2013'            package PDB                  deposit@deposit.rcsb.org    'data extraction' 
http://sw-tools.pdb.org/apps/PDB_EXTRACT/    C++        ? 
# 
_cell.length_a           15.584 
_cell.length_b           4.742 
_cell.length_c           25.806 
_cell.angle_alpha        90.000 
_cell.angle_beta         98.960 
_cell.angle_gamma        90.000 
_cell.entry_id           4R0U 
_cell.pdbx_unique_axis   ? 
_cell.Z_PDB              2 
_cell.length_a_esd       ? 
_cell.length_b_esd       ? 
_cell.length_c_esd       ? 
_cell.angle_alpha_esd    ? 
_cell.angle_beta_esd     ? 
_cell.angle_gamma_esd    ? 
# 
_symmetry.space_group_name_H-M             'P 1 21 1' 
_symmetry.entry_id                         4R0U 
_symmetry.Int_Tables_number                4 
_symmetry.pdbx_full_space_group_name_H-M   ? 
_symmetry.cell_setting                     ? 
_symmetry.space_group_name_Hall            ? 
# 
_exptl.crystals_number   1 
_exptl.entry_id          4R0U 
_exptl.method            'X-RAY DIFFRACTION' 
# 
_exptl_crystal.id                    1 
_exptl_crystal.pdbx_mosaicity        0.600 
_exptl_crystal.pdbx_mosaicity_esd    ? 
_exptl_crystal.density_Matthews      1.52 
_exptl_crystal.density_diffrn        ? 
_exptl_crystal.density_meas          ? 
_exptl_crystal.density_meas_temp     ? 
_exptl_crystal.density_percent_sol   19.34 
_exptl_crystal.size_max              ? 
_exptl_crystal.size_mid              ? 
_exptl_crystal.size_min              ? 
_exptl_crystal.size_rad              ? 
_exptl_crystal.description           ? 
_exptl_crystal.F_000                 ? 
_exptl_crystal.preparation           ? 
# 
_exptl_crystal_grow.crystal_id      1 
_exptl_crystal_grow.method          'VAPOR DIFFUSION, HANGING DROP' 
_exptl_crystal_grow.pH              ? 
_exptl_crystal_grow.temp            298 
_exptl_crystal_grow.pdbx_details    '0.2M magnesium formate, vapor diffusion, hanging drop, temperature 298K' 
_exptl_crystal_grow.temp_details    ? 
_exptl_crystal_grow.pdbx_pH_range   ? 
# 
_diffrn.id                     1 
_diffrn.ambient_temp           100 
_diffrn.ambient_temp_details   ? 
_diffrn.crystal_id             1 
# 
_diffrn_detector.diffrn_id              1 
_diffrn_detector.detector               CCD 
_diffrn_detector.type                   'MAR CCD 165 mm' 
_diffrn_detector.pdbx_collection_date   2007-07-13 
_diffrn_detector.details                ? 
# 
_diffrn_radiation.diffrn_id                        1 
_diffrn_radiation.pdbx_diffrn_protocol             'SINGLE WAVELENGTH' 
_diffrn_radiation.monochromator                    ? 
_diffrn_radiation.wavelength_id                    1 
_diffrn_radiation.pdbx_monochromatic_or_laue_m_l   M 
_diffrn_radiation.pdbx_scattering_type             x-ray 
# 
_diffrn_radiation_wavelength.id           1 
_diffrn_radiation_wavelength.wavelength   0.895432 
_diffrn_radiation_wavelength.wt           1.0 
# 
_diffrn_source.diffrn_id                   1 
_diffrn_source.source                      SYNCHROTRON 
_diffrn_source.type                        'ESRF BEAMLINE ID13' 
_diffrn_source.pdbx_wavelength_list        0.895432 
_diffrn_source.pdbx_wavelength             ? 
_diffrn_source.pdbx_synchrotron_site       ESRF 
_diffrn_source.pdbx_synchrotron_beamline   ID13 
# 
_reflns.entry_id                     4R0U 
_reflns.d_resolution_high            1.38 
_reflns.d_resolution_low             90.000 
_reflns.number_obs                   798 
_reflns.pdbx_Rmerge_I_obs            0.151 
_reflns.pdbx_netI_over_sigmaI        8.400 
_reflns.pdbx_chi_squared             1.125 
_reflns.pdbx_redundancy              3.400 
_reflns.percent_possible_obs         83.800 
_reflns.observed_criterion_sigma_F   ? 
_reflns.observed_criterion_sigma_I   -3.0 
_reflns.number_all                   798 
_reflns.pdbx_Rsym_value              ? 
_reflns.B_iso_Wilson_estimate        18.5 
_reflns.R_free_details               ? 
_reflns.limit_h_max                  ? 
_reflns.limit_h_min                  ? 
_reflns.limit_k_max                  ? 
_reflns.limit_k_min                  ? 
_reflns.limit_l_max                  ? 
_reflns.limit_l_min                  ? 
_reflns.observed_criterion_F_max     ? 
_reflns.observed_criterion_F_min     ? 
_reflns.pdbx_scaling_rejects         ? 
_reflns.pdbx_ordinal                 1 
_reflns.pdbx_diffrn_id               1 
# 
loop_
_reflns_shell.d_res_high 
_reflns_shell.d_res_low 
_reflns_shell.number_measured_obs 
_reflns_shell.number_measured_all 
_reflns_shell.number_unique_obs 
_reflns_shell.pdbx_rejects 
_reflns_shell.Rmerge_I_obs 
_reflns_shell.meanI_over_sigI_obs 
_reflns_shell.pdbx_Rsym_value 
_reflns_shell.pdbx_chi_squared 
_reflns_shell.pdbx_redundancy 
_reflns_shell.percent_possible_obs 
_reflns_shell.pdbx_netI_over_sigmaI_obs 
_reflns_shell.number_possible 
_reflns_shell.number_unique_all 
_reflns_shell.Rmerge_F_all 
_reflns_shell.Rmerge_F_obs 
_reflns_shell.Rmerge_I_all 
_reflns_shell.meanI_over_sigI_all 
_reflns_shell.percent_possible_all 
_reflns_shell.pdbx_Rrim_I_all 
_reflns_shell.pdbx_Rpim_I_all 
_reflns_shell.pdbx_ordinal 
_reflns_shell.pdbx_diffrn_id 
1.400 1.510  ? ? ? 0 0.229 ? ? 1.017 1.800 ? ? ? 115 ? ? ? ? 61.200 ? ? 1 1 
1.510 1.660  ? ? ? 0 0.329 ? ? 1.107 2.400 ? ? ? 136 ? ? ? ? 71.200 ? ? 2 1 
1.660 1.900  ? ? ? 0 0.262 ? ? 1.123 3.600 ? ? ? 155 ? ? ? ? 94.500 ? ? 3 1 
1.900 2.390  ? ? ? 0 0.205 ? ? 1.091 4.300 ? ? ? 197 ? ? ? ? 96.600 ? ? 4 1 
2.390 90.000 ? ? ? 0 0.130 ? ? 1.185 4.100 ? ? ? 195 ? ? ? ? 95.100 ? ? 5 1 
# 
_refine.entry_id                                 4R0U 
_refine.ls_d_res_high                            1.3800 
_refine.ls_d_res_low                             25.4900 
_refine.pdbx_ls_sigma_F                          0.000 
_refine.pdbx_data_cutoff_high_absF               ? 
_refine.pdbx_data_cutoff_low_absF                ? 
_refine.ls_percent_reflns_obs                    86.1800 
_refine.ls_number_reflns_obs                     798 
_refine.ls_number_reflns_all                     798 
_refine.pdbx_ls_cross_valid_method               THROUGHOUT 
_refine.pdbx_R_Free_selection_details            RANDOM 
_refine.details                                  
'HYDROGENS HAVE BEEN ADDED IN THE RIDING POSITIONS U VALUES      : REFINED INDIVIDUALLY' 
_refine.ls_R_factor_all                          0.2045 
_refine.ls_R_factor_obs                          0.2045 
_refine.ls_R_factor_R_work                       0.2027 
_refine.ls_wR_factor_R_work                      0.2378 
_refine.ls_R_factor_R_free                       0.2175 
_refine.ls_wR_factor_R_free                      0.2528 
_refine.ls_percent_reflns_R_free                 11.3000 
_refine.ls_number_reflns_R_free                  90 
_refine.ls_R_factor_R_free_error                 ? 
_refine.B_iso_mean                               16.6240 
_refine.solvent_model_param_bsol                 ? 
_refine.solvent_model_param_ksol                 ? 
_refine.pdbx_isotropic_thermal_model             ? 
_refine.aniso_B[1][1]                            0.3400 
_refine.aniso_B[2][2]                            -0.2100 
_refine.aniso_B[3][3]                            -0.1900 
_refine.aniso_B[1][2]                            -0.0000 
_refine.aniso_B[1][3]                            0.2200 
_refine.aniso_B[2][3]                            -0.0000 
_refine.correlation_coeff_Fo_to_Fc               0.9650 
_refine.correlation_coeff_Fo_to_Fc_free          0.9670 
_refine.overall_SU_R_Cruickshank_DPI             0.0960 
_refine.overall_SU_R_free                        0.0873 
_refine.pdbx_overall_ESU_R                       0.0960 
_refine.pdbx_overall_ESU_R_Free                  0.0870 
_refine.overall_SU_ML                            0.0770 
_refine.overall_SU_B                             2.3360 
_refine.solvent_model_details                    MASK 
_refine.pdbx_solvent_vdw_probe_radii             1.4000 
_refine.pdbx_solvent_ion_probe_radii             0.8000 
_refine.pdbx_solvent_shrinkage_radii             0.8000 
_refine.ls_number_parameters                     ? 
_refine.ls_number_restraints                     ? 
_refine.pdbx_starting_model                      'ideal beta strand' 
_refine.pdbx_method_to_determine_struct          'MOLECULAR REPLACEMENT' 
_refine.pdbx_stereochemistry_target_values       'MAXIMUM LIKELIHOOD' 
_refine.pdbx_stereochem_target_val_spec_case     ? 
_refine.overall_FOM_work_R_set                   0.7067 
_refine.B_iso_max                                41.770 
_refine.B_iso_min                                8.240 
_refine.pdbx_overall_phase_error                 ? 
_refine.occupancy_max                            ? 
_refine.occupancy_min                            ? 
_refine.pdbx_ls_sigma_I                          ? 
_refine.ls_redundancy_reflns_obs                 ? 
_refine.ls_R_factor_R_free_error_details         ? 
_refine.pdbx_data_cutoff_high_rms_absF           ? 
_refine.overall_FOM_free_R_set                   ? 
_refine.pdbx_diffrn_id                           1 
_refine.pdbx_refine_id                           'X-RAY DIFFRACTION' 
_refine.pdbx_TLS_residual_ADP_flag               ? 
_refine.pdbx_overall_SU_R_free_Cruickshank_DPI   ? 
_refine.pdbx_overall_SU_R_Blow_DPI               ? 
_refine.pdbx_overall_SU_R_free_Blow_DPI          ? 
# 
_refine_hist.pdbx_refine_id                   'X-RAY DIFFRACTION' 
_refine_hist.cycle_id                         LAST 
_refine_hist.pdbx_number_atoms_protein        43 
_refine_hist.pdbx_number_atoms_nucleic_acid   0 
_refine_hist.pdbx_number_atoms_ligand         0 
_refine_hist.number_atoms_solvent             7 
_refine_hist.number_atoms_total               50 
_refine_hist.d_res_high                       1.3800 
_refine_hist.d_res_low                        25.4900 
# 
loop_
_refine_ls_restr.type 
_refine_ls_restr.number 
_refine_ls_restr.dev_ideal 
_refine_ls_restr.dev_ideal_target 
_refine_ls_restr.weight 
_refine_ls_restr.pdbx_restraint_function 
_refine_ls_restr.pdbx_refine_id 
r_bond_refined_d       42  0.010 0.020  ? ? 'X-RAY DIFFRACTION' 
r_bond_other_d         45  0.002 0.020  ? ? 'X-RAY DIFFRACTION' 
r_angle_refined_deg    58  1.312 1.974  ? ? 'X-RAY DIFFRACTION' 
r_angle_other_deg      101 0.544 3.000  ? ? 'X-RAY DIFFRACTION' 
r_dihedral_angle_1_deg 6   4.887 5.000  ? ? 'X-RAY DIFFRACTION' 
r_dihedral_angle_3_deg 4   3.831 15.000 ? ? 'X-RAY DIFFRACTION' 
r_chiral_restr         10  0.060 0.200  ? ? 'X-RAY DIFFRACTION' 
r_gen_planes_refined   46  0.002 0.020  ? ? 'X-RAY DIFFRACTION' 
r_gen_planes_other     6   0.000 0.020  ? ? 'X-RAY DIFFRACTION' 
r_mcbond_it            27  3.692 2.027  ? ? 'X-RAY DIFFRACTION' 
r_mcbond_other         26  2.327 1.911  ? ? 'X-RAY DIFFRACTION' 
r_mcangle_it           31  5.827 3.254  ? ? 'X-RAY DIFFRACTION' 
# 
_refine_ls_shell.d_res_high                       1.3800 
_refine_ls_shell.d_res_low                        1.5420 
_refine_ls_shell.pdbx_total_number_of_bins_used   5 
_refine_ls_shell.percent_reflns_obs               68.9400 
_refine_ls_shell.number_reflns_R_work             163 
_refine_ls_shell.R_factor_all                     ? 
_refine_ls_shell.R_factor_R_work                  0.3230 
_refine_ls_shell.R_factor_R_free                  0.3460 
_refine_ls_shell.percent_reflns_R_free            ? 
_refine_ls_shell.number_reflns_R_free             19 
_refine_ls_shell.R_factor_R_free_error            ? 
_refine_ls_shell.number_reflns_all                182 
_refine_ls_shell.number_reflns_obs                ? 
_refine_ls_shell.pdbx_refine_id                   'X-RAY DIFFRACTION' 
_refine_ls_shell.redundancy_reflns_obs            ? 
# 
_struct.entry_id                  4R0U 
_struct.title                     'Tgvtava, an amyloid forming segment from alpha synuclein, residues 72-78' 
_struct.pdbx_model_details        ? 
_struct.pdbx_CASP_flag            ? 
_struct.pdbx_model_type_details   ? 
# 
_struct_keywords.entry_id        4R0U 
_struct_keywords.text            'amyloid-like protofibril, PROTEIN FIBRIL' 
_struct_keywords.pdbx_keywords   'PROTEIN FIBRIL' 
# 
loop_
_struct_asym.id 
_struct_asym.pdbx_blank_PDB_chainid_flag 
_struct_asym.pdbx_modified 
_struct_asym.entity_id 
_struct_asym.details 
A N N 1 ? 
B N N 2 ? 
# 
_struct_ref.id                         1 
_struct_ref.db_name                    UNP 
_struct_ref.db_code                    SYUA_HUMAN 
_struct_ref.pdbx_db_accession          P37840 
_struct_ref.entity_id                  1 
_struct_ref.pdbx_seq_one_letter_code   TGVTAVA 
_struct_ref.pdbx_align_begin           72 
_struct_ref.pdbx_db_isoform            ? 
# 
_struct_ref_seq.align_id                      1 
_struct_ref_seq.ref_id                        1 
_struct_ref_seq.pdbx_PDB_id_code              4R0U 
_struct_ref_seq.pdbx_strand_id                A 
_struct_ref_seq.seq_align_beg                 1 
_struct_ref_seq.pdbx_seq_align_beg_ins_code   ? 
_struct_ref_seq.seq_align_end                 7 
_struct_ref_seq.pdbx_seq_align_end_ins_code   ? 
_struct_ref_seq.pdbx_db_accession             P37840 
_struct_ref_seq.db_align_beg                  72 
_struct_ref_seq.pdbx_db_align_beg_ins_code    ? 
_struct_ref_seq.db_align_end                  78 
_struct_ref_seq.pdbx_db_align_end_ins_code    ? 
_struct_ref_seq.pdbx_auth_seq_align_beg       1 
_struct_ref_seq.pdbx_auth_seq_align_end       7 
# 
_pdbx_struct_assembly.id                   1 
_pdbx_struct_assembly.details              author_defined_assembly 
_pdbx_struct_assembly.method_details       ? 
_pdbx_struct_assembly.oligomeric_details   decameric 
_pdbx_struct_assembly.oligomeric_count     10 
# 
_pdbx_struct_assembly_gen.assembly_id       1 
_pdbx_struct_assembly_gen.oper_expression   1,2,3,4,5,6,7,8,9,10 
_pdbx_struct_assembly_gen.asym_id_list      A,B 
# 
loop_
_pdbx_struct_oper_list.id 
_pdbx_struct_oper_list.type 
_pdbx_struct_oper_list.name 
_pdbx_struct_oper_list.symmetry_operation 
_pdbx_struct_oper_list.matrix[1][1] 
_pdbx_struct_oper_list.matrix[1][2] 
_pdbx_struct_oper_list.matrix[1][3] 
_pdbx_struct_oper_list.vector[1] 
_pdbx_struct_oper_list.matrix[2][1] 
_pdbx_struct_oper_list.matrix[2][2] 
_pdbx_struct_oper_list.matrix[2][3] 
_pdbx_struct_oper_list.vector[2] 
_pdbx_struct_oper_list.matrix[3][1] 
_pdbx_struct_oper_list.matrix[3][2] 
_pdbx_struct_oper_list.matrix[3][3] 
_pdbx_struct_oper_list.vector[3] 
1  'identity operation'         1_555 x,y,z           1.0000000000  0.0000000000 0.0000000000 0.0000000000  0.0000000000 1.0000000000  0.0000000000 0.0000000000  0.0000000000 0.0000000000 1.0000000000 0.0000000000  
2  'crystal symmetry operation' 1_535 x,y-2,z         1.0000000000  0.0000000000 0.0000000000 1.1237546520  0.0000000000 1.0000000000  0.0000000000 4.2788727631  0.0000000000 0.0000000000 1.0000000000 8.3889617569  
3  'crystal symmetry operation' 1_545 x,y-1,z         1.0000000000  0.0000000000 0.0000000000 0.5618773260  0.0000000000 1.0000000000  0.0000000000 2.1394363816  0.0000000000 0.0000000000 1.0000000000 4.1944808785  
4  'crystal symmetry operation' 1_565 x,y+1,z         1.0000000000  0.0000000000 0.0000000000 -0.5618773260 0.0000000000 1.0000000000  0.0000000000 -2.1394363816 0.0000000000 0.0000000000 1.0000000000 -4.1944808785 
5  'crystal symmetry operation' 1_575 x,y+2,z         1.0000000000  0.0000000000 0.0000000000 -1.1237546520 0.0000000000 1.0000000000  0.0000000000 -4.2788727631 0.0000000000 0.0000000000 1.0000000000 -8.3889617569 
6  'crystal symmetry operation' 2_656 -x+1,y+1/2,-z+1 -0.9719204651 0.1069172501 0.2096170584 7.2361925491  0.1069172501 -0.5928957371 0.7981499524 -4.1228999236 0.2096170584 0.7981499524 0.5648162022 -1.5469023733 
7  'crystal symmetry operation' 2_636 -x+1,y-3/2,-z+1 -0.9719204651 0.1069172501 0.2096170584 8.3599472011  0.1069172501 -0.5928957371 0.7981499524 0.1559728395  0.2096170584 0.7981499524 0.5648162022 6.8420593836  
8  'crystal symmetry operation' 2_646 -x+1,y-1/2,-z+1 -0.9719204651 0.1069172501 0.2096170584 7.7980698751  0.1069172501 -0.5928957371 0.7981499524 -1.9834635420 0.2096170584 0.7981499524 0.5648162022 2.6475785051  
9  'crystal symmetry operation' 2_666 -x+1,y+3/2,-z+1 -0.9719204651 0.1069172501 0.2096170584 6.6743152232  0.1069172501 -0.5928957371 0.7981499524 -6.2623363052 0.2096170584 0.7981499524 0.5648162022 -5.7413832518 
10 'crystal symmetry operation' 2_676 -x+1,y+5/2,-z+1 -0.9719204651 0.1069172501 0.2096170584 6.1124378972  0.1069172501 -0.5928957371 0.7981499524 -8.4017726867 0.2096170584 0.7981499524 0.5648162022 -9.9358641302 
# 
_struct_biol.id        1 
_struct_biol.details   
;There are two choices of the biological unit. The first choice is a pair of indefinitely long beta sheets constructed from chain A and unit cell translations along the b direction (that is, the b direction corresponds to the fiber axis) (i.e. X,Y,Z; X,Y+1,Z; X,Y+2,Z; etc.) together with a symmetry related sheet formed from 1-X,Y+1/2,1-Z and its unit cell translations along the b direction (i.e. 1-x,y+3/2,1-z; 1-x,y+5/2,1-z, etc.). The second choice of biological unit is  a pair of beta sheets constructed from chain A and unit cell translations along the b direction (i.e. X,Y,Z; X,Y+1,Z; X,Y+2,Z; etc.) together with a symmetry related sheet formed from -X,1/2+Y,1-Z and its unit cell translations along the b direction (i.e. -x,y+3/2,1-z; -x,y+5/2,1-z; etc.). REMARK 350 displays 5 strands from both sheets for the first choice.
;
# 
_pdbx_phasing_MR.entry_id                     4R0U 
_pdbx_phasing_MR.method_rotation              ? 
_pdbx_phasing_MR.method_translation           ? 
_pdbx_phasing_MR.model_details                'Phaser MODE: MR_AUTO' 
_pdbx_phasing_MR.R_factor                     ? 
_pdbx_phasing_MR.R_rigid_body                 ? 
_pdbx_phasing_MR.correlation_coeff_Fo_to_Fc   ? 
_pdbx_phasing_MR.correlation_coeff_Io_to_Ic   ? 
_pdbx_phasing_MR.d_res_high_rotation          1.600 
_pdbx_phasing_MR.d_res_low_rotation           25.490 
_pdbx_phasing_MR.d_res_high_translation       1.600 
_pdbx_phasing_MR.d_res_low_translation        25.490 
_pdbx_phasing_MR.packing                      ? 
_pdbx_phasing_MR.reflns_percent_rotation      ? 
_pdbx_phasing_MR.reflns_percent_translation   ? 
_pdbx_phasing_MR.sigma_F_rotation             ? 
_pdbx_phasing_MR.sigma_F_translation          ? 
_pdbx_phasing_MR.sigma_I_rotation             ? 
_pdbx_phasing_MR.sigma_I_translation          ? 
# 
_phasing.method   MR 
# 
loop_
_chem_comp_atom.comp_id 
_chem_comp_atom.atom_id 
_chem_comp_atom.type_symbol 
_chem_comp_atom.pdbx_aromatic_flag 
_chem_comp_atom.pdbx_stereo_config 
_chem_comp_atom.pdbx_ordinal 
ALA N    N N N 1  
ALA CA   C N S 2  
ALA C    C N N 3  
ALA O    O N N 4  
ALA CB   C N N 5  
ALA OXT  O N N 6  
ALA H    H N N 7  
ALA H2   H N N 8  
ALA HA   H N N 9  
ALA HB1  H N N 10 
ALA HB2  H N N 11 
ALA HB3  H N N 12 
ALA HXT  H N N 13 
GLY N    N N N 14 
GLY CA   C N N 15 
GLY C    C N N 16 
GLY O    O N N 17 
GLY OXT  O N N 18 
GLY H    H N N 19 
GLY H2   H N N 20 
GLY HA2  H N N 21 
GLY HA3  H N N 22 
GLY HXT  H N N 23 
HOH O    O N N 24 
HOH H1   H N N 25 
HOH H2   H N N 26 
THR N    N N N 27 
THR CA   C N S 28 
THR C    C N N 29 
THR O    O N N 30 
THR CB   C N R 31 
THR OG1  O N N 32 
THR CG2  C N N 33 
THR OXT  O N N 34 
THR H    H N N 35 
THR H2   H N N 36 
THR HA   H N N 37 
THR HB   H N N 38 
THR HG1  H N N 39 
THR HG21 H N N 40 
THR HG22 H N N 41 
THR HG23 H N N 42 
THR HXT  H N N 43 
VAL N    N N N 44 
VAL CA   C N S 45 
VAL C    C N N 46 
VAL O    O N N 47 
VAL CB   C N N 48 
VAL CG1  C N N 49 
VAL CG2  C N N 50 
VAL OXT  O N N 51 
VAL H    H N N 52 
VAL H2   H N N 53 
VAL HA   H N N 54 
VAL HB   H N N 55 
VAL HG11 H N N 56 
VAL HG12 H N N 57 
VAL HG13 H N N 58 
VAL HG21 H N N 59 
VAL HG22 H N N 60 
VAL HG23 H N N 61 
VAL HXT  H N N 62 
# 
loop_
_chem_comp_bond.comp_id 
_chem_comp_bond.atom_id_1 
_chem_comp_bond.atom_id_2 
_chem_comp_bond.value_order 
_chem_comp_bond.pdbx_aromatic_flag 
_chem_comp_bond.pdbx_stereo_config 
_chem_comp_bond.pdbx_ordinal 
ALA N   CA   sing N N 1  
ALA N   H    sing N N 2  
ALA N   H2   sing N N 3  
ALA CA  C    sing N N 4  
ALA CA  CB   sing N N 5  
ALA CA  HA   sing N N 6  
ALA C   O    doub N N 7  
ALA C   OXT  sing N N 8  
ALA CB  HB1  sing N N 9  
ALA CB  HB2  sing N N 10 
ALA CB  HB3  sing N N 11 
ALA OXT HXT  sing N N 12 
GLY N   CA   sing N N 13 
GLY N   H    sing N N 14 
GLY N   H2   sing N N 15 
GLY CA  C    sing N N 16 
GLY CA  HA2  sing N N 17 
GLY CA  HA3  sing N N 18 
GLY C   O    doub N N 19 
GLY C   OXT  sing N N 20 
GLY OXT HXT  sing N N 21 
HOH O   H1   sing N N 22 
HOH O   H2   sing N N 23 
THR N   CA   sing N N 24 
THR N   H    sing N N 25 
THR N   H2   sing N N 26 
THR CA  C    sing N N 27 
THR CA  CB   sing N N 28 
THR CA  HA   sing N N 29 
THR C   O    doub N N 30 
THR C   OXT  sing N N 31 
THR CB  OG1  sing N N 32 
THR CB  CG2  sing N N 33 
THR CB  HB   sing N N 34 
THR OG1 HG1  sing N N 35 
THR CG2 HG21 sing N N 36 
THR CG2 HG22 sing N N 37 
THR CG2 HG23 sing N N 38 
THR OXT HXT  sing N N 39 
VAL N   CA   sing N N 40 
VAL N   H    sing N N 41 
VAL N   H2   sing N N 42 
VAL CA  C    sing N N 43 
VAL CA  CB   sing N N 44 
VAL CA  HA   sing N N 45 
VAL C   O    doub N N 46 
VAL C   OXT  sing N N 47 
VAL CB  CG1  sing N N 48 
VAL CB  CG2  sing N N 49 
VAL CB  HB   sing N N 50 
VAL CG1 HG11 sing N N 51 
VAL CG1 HG12 sing N N 52 
VAL CG1 HG13 sing N N 53 
VAL CG2 HG21 sing N N 54 
VAL CG2 HG22 sing N N 55 
VAL CG2 HG23 sing N N 56 
VAL OXT HXT  sing N N 57 
# 
_pdbx_initial_refinement_model.accession_code   ? 
_pdbx_initial_refinement_model.id               1 
_pdbx_initial_refinement_model.entity_id_list   ? 
_pdbx_initial_refinement_model.type             'in silico model' 
_pdbx_initial_refinement_model.source_name      Other 
_pdbx_initial_refinement_model.details          'ideal beta strand' 
# 
_atom_sites.entry_id                    4R0U 
_atom_sites.fract_transf_matrix[1][1]   0.04797477 
_atom_sites.fract_transf_matrix[1][2]   -0.04128172 
_atom_sites.fract_transf_matrix[1][3]   0.01462962 
_atom_sites.fract_transf_matrix[2][1]   -0.02498719 
_atom_sites.fract_transf_matrix[2][2]   -0.09514266 
_atom_sites.fract_transf_matrix[2][3]   -0.18653233 
_atom_sites.fract_transf_matrix[3][1]   0.03022988 
_atom_sites.fract_transf_matrix[3][2]   0.02039946 
_atom_sites.fract_transf_matrix[3][3]   -0.01445443 
_atom_sites.fract_transf_vector[1]      0.252567 
_atom_sites.fract_transf_vector[2]      -0.145056 
_atom_sites.fract_transf_vector[3]      0.421493 
# 
loop_
_atom_type.symbol 
C 
N 
O 
# 
loop_
_atom_site.group_PDB 
_atom_site.id 
_atom_site.type_symbol 
_atom_site.label_atom_id 
_atom_site.label_alt_id 
_atom_site.label_comp_id 
_atom_site.label_asym_id 
_atom_site.label_entity_id 
_atom_site.label_seq_id 
_atom_site.pdbx_PDB_ins_code 
_atom_site.Cartn_x 
_atom_site.Cartn_y 
_atom_site.Cartn_z 
_atom_site.occupancy 
_atom_site.B_iso_or_equiv 
_atom_site.pdbx_formal_charge 
_atom_site.auth_seq_id 
_atom_site.auth_comp_id 
_atom_site.auth_asym_id 
_atom_site.auth_atom_id 
_atom_site.pdbx_PDB_model_num 
ATOM   1  N N   . THR A 1 1 ? -6.363  0.110  2.261  1.00 31.90 ? 1   THR A N   1 
ATOM   2  C CA  . THR A 1 1 ? -6.917  -1.223 2.654  1.00 28.55 ? 1   THR A CA  1 
ATOM   3  C C   . THR A 1 1 ? -6.038  -2.303 2.072  1.00 25.57 ? 1   THR A C   1 
ATOM   4  O O   . THR A 1 1 ? -5.568  -2.182 0.935  1.00 26.52 ? 1   THR A O   1 
ATOM   5  C CB  . THR A 1 1 ? -8.340  -1.452 2.111  1.00 30.97 ? 1   THR A CB  1 
ATOM   6  O OG1 . THR A 1 1 ? -9.219  -0.417 2.582  1.00 25.85 ? 1   THR A OG1 1 
ATOM   7  C CG2 . THR A 1 1 ? -8.868  -2.823 2.543  1.00 31.78 ? 1   THR A CG2 1 
ATOM   8  N N   . GLY A 1 2 ? -5.841  -3.366 2.841  1.00 18.47 ? 2   GLY A N   1 
ATOM   9  C CA  . GLY A 1 2 ? -4.907  -4.398 2.465  1.00 17.82 ? 2   GLY A CA  1 
ATOM   10 C C   . GLY A 1 2 ? -3.504  -3.896 2.715  1.00 14.98 ? 2   GLY A C   1 
ATOM   11 O O   . GLY A 1 2 ? -3.247  -3.215 3.708  1.00 17.04 ? 2   GLY A O   1 
ATOM   12 N N   . VAL A 1 3 ? -2.598  -4.218 1.803  1.00 12.34 ? 3   VAL A N   1 
ATOM   13 C CA  . VAL A 1 3 ? -1.203  -3.839 1.947  1.00 10.85 ? 3   VAL A CA  1 
ATOM   14 C C   . VAL A 1 3 ? -0.847  -2.965 0.770  1.00 10.31 ? 3   VAL A C   1 
ATOM   15 O O   . VAL A 1 3 ? -0.967  -3.390 -0.375 1.00 10.77 ? 3   VAL A O   1 
ATOM   16 C CB  . VAL A 1 3 ? -0.317  -5.082 1.992  1.00 11.88 ? 3   VAL A CB  1 
ATOM   17 C CG1 . VAL A 1 3 ? 1.131   -4.710 2.195  1.00 12.70 ? 3   VAL A CG1 1 
ATOM   18 C CG2 . VAL A 1 3 ? -0.793  -5.991 3.109  1.00 12.94 ? 3   VAL A CG2 1 
ATOM   19 N N   . THR A 1 4 ? -0.423  -1.745 1.055  1.00 8.78  ? 4   THR A N   1 
ATOM   20 C CA  . THR A 1 4 ? -0.227  -0.760 0.031  1.00 9.30  ? 4   THR A CA  1 
ATOM   21 C C   . THR A 1 4 ? 1.087   -0.065 0.237  1.00 8.80  ? 4   THR A C   1 
ATOM   22 O O   . THR A 1 4 ? 1.381   0.412  1.326  1.00 9.31  ? 4   THR A O   1 
ATOM   23 C CB  . THR A 1 4 ? -1.357  0.278  0.064  1.00 10.28 ? 4   THR A CB  1 
ATOM   24 O OG1 . THR A 1 4 ? -2.606  -0.402 -0.062 1.00 15.19 ? 4   THR A OG1 1 
ATOM   25 C CG2 . THR A 1 4 ? -1.224  1.273  -1.060 1.00 11.88 ? 4   THR A CG2 1 
ATOM   26 N N   . ALA A 1 5 ? 1.879   -0.016 -0.818 1.00 8.24  ? 5   ALA A N   1 
ATOM   27 C CA  . ALA A 1 5 ? 3.133   0.688  -0.779 1.00 8.70  ? 5   ALA A CA  1 
ATOM   28 C C   . ALA A 1 5 ? 3.142   1.611  -1.980 1.00 8.82  ? 5   ALA A C   1 
ATOM   29 O O   . ALA A 1 5 ? 2.912   1.172  -3.099 1.00 8.97  ? 5   ALA A O   1 
ATOM   30 C CB  . ALA A 1 5 ? 4.294   -0.299 -0.820 1.00 9.63  ? 5   ALA A CB  1 
ATOM   31 N N   . VAL A 1 6 ? 3.395   2.887  -1.733 1.00 9.67  ? 6   VAL A N   1 
ATOM   32 C CA  . VAL A 1 6 ? 3.402   3.907  -2.771 1.00 10.56 ? 6   VAL A CA  1 
ATOM   33 C C   . VAL A 1 6 ? 4.656   4.741  -2.617 1.00 13.04 ? 6   VAL A C   1 
ATOM   34 O O   . VAL A 1 6 ? 4.894   5.289  -1.560 1.00 13.74 ? 6   VAL A O   1 
ATOM   35 C CB  . VAL A 1 6 ? 2.190   4.840  -2.638 1.00 11.93 ? 6   VAL A CB  1 
ATOM   36 C CG1 . VAL A 1 6 ? 2.179   5.867  -3.764 1.00 14.13 ? 6   VAL A CG1 1 
ATOM   37 C CG2 . VAL A 1 6 ? 0.904   4.040  -2.630 1.00 11.70 ? 6   VAL A CG2 1 
ATOM   38 N N   . ALA A 1 7 ? 5.470   4.842  -3.657 1.00 16.98 ? 7   ALA A N   1 
ATOM   39 C CA  . ALA A 1 7 ? 6.718   5.625  -3.547 1.00 21.40 ? 7   ALA A CA  1 
ATOM   40 C C   . ALA A 1 7 ? 6.471   7.136  -3.607 1.00 28.45 ? 7   ALA A C   1 
ATOM   41 O O   . ALA A 1 7 ? 7.409   7.940  -3.487 1.00 41.77 ? 7   ALA A O   1 
ATOM   42 C CB  . ALA A 1 7 ? 7.734   5.198  -4.594 1.00 28.04 ? 7   ALA A CB  1 
ATOM   43 O OXT . ALA A 1 7 ? 5.337   7.603  -3.736 1.00 26.66 ? 7   ALA A OXT 1 
HETATM 44 O O   . HOH B 2 . ? -3.944  -2.389 -1.431 1.00 15.46 ? 101 HOH A O   1 
HETATM 45 O O   . HOH B 2 . ? -6.661  -4.535 5.347  1.00 19.26 ? 102 HOH A O   1 
HETATM 46 O O   . HOH B 2 . ? -3.703  -5.734 5.671  1.00 19.31 ? 103 HOH A O   1 
HETATM 47 O O   . HOH B 2 . ? -3.783  -7.999 4.070  1.00 26.87 ? 104 HOH A O   1 
HETATM 48 O O   . HOH B 2 . ? -12.939 1.510  3.124  1.00 22.68 ? 105 HOH A O   1 
HETATM 49 O O   . HOH B 2 . ? -12.125 1.280  0.462  1.00 21.37 ? 106 HOH A O   1 
HETATM 50 O O   . HOH B 2 . ? -11.444 -0.769 4.030  1.00 25.75 ? 107 HOH A O   1 
# 
